data_3SEN
#
_entry.id   3SEN
#
_cell.length_a   92.226
_cell.length_b   94.597
_cell.length_c   118.633
_cell.angle_alpha   90.000
_cell.angle_beta   90.000
_cell.angle_gamma   90.000
#
_symmetry.space_group_name_H-M   'P 21 21 21'
#
loop_
_entity.id
_entity.type
_entity.pdbx_description
1 polymer Caskin-1
2 non-polymer 'POTASSIUM ION'
#
_entity_poly.entity_id   1
_entity_poly.type   'polypeptide(L)'
_entity_poly.pdbx_seq_one_letter_code
;MKHHHHHHHMHAKEGKSSEAVSQWLTAFQLQLYAPNFISAGYDLPTISRMTPEDLTAIGVTKPGHRKKIAAEISGLSIPD
WLPEHKPANLAVWLSMIGLAQYYKVLVDNGYENIDFITDITWEDLQEIGITKLGHQKKLMLAVRKLAELQKAEYAKY
;
_entity_poly.pdbx_strand_id   A,B,C,D
#
loop_
_chem_comp.id
_chem_comp.type
_chem_comp.name
_chem_comp.formula
K non-polymer 'POTASSIUM ION' 'K 1'
#
# COMPACT_ATOMS: atom_id res chain seq x y z
N LYS A 16 18.38 4.80 16.30
CA LYS A 16 19.75 4.22 16.27
C LYS A 16 20.10 3.63 14.92
N SER A 17 19.09 3.21 14.17
CA SER A 17 19.30 2.66 12.83
C SER A 17 19.72 3.73 11.84
N SER A 18 18.89 4.75 11.71
CA SER A 18 19.19 5.86 10.81
C SER A 18 20.51 6.53 11.22
N GLU A 19 20.74 6.61 12.53
CA GLU A 19 22.00 7.07 13.08
C GLU A 19 23.15 6.30 12.45
N ALA A 20 23.02 4.98 12.40
CA ALA A 20 24.09 4.10 11.91
C ALA A 20 24.30 4.22 10.41
N VAL A 21 23.24 4.50 9.67
CA VAL A 21 23.34 4.71 8.23
C VAL A 21 24.09 6.01 7.95
N SER A 22 23.63 7.09 8.59
CA SER A 22 24.33 8.38 8.52
C SER A 22 25.82 8.19 8.75
N GLN A 23 26.16 7.64 9.90
CA GLN A 23 27.56 7.47 10.28
C GLN A 23 28.36 6.66 9.27
N TRP A 24 27.74 5.61 8.74
CA TRP A 24 28.39 4.77 7.74
C TRP A 24 28.74 5.59 6.50
N LEU A 25 27.83 6.50 6.12
CA LEU A 25 28.01 7.32 4.92
C LEU A 25 28.98 8.49 5.14
N THR A 26 28.89 9.13 6.31
CA THR A 26 29.82 10.21 6.68
C THR A 26 31.28 9.72 6.77
N ALA A 27 31.45 8.45 7.13
CA ALA A 27 32.78 7.82 7.22
C ALA A 27 33.53 7.74 5.89
N PHE A 28 32.82 7.83 4.78
CA PHE A 28 33.45 7.94 3.45
C PHE A 28 32.88 9.06 2.61
N GLN A 29 32.38 10.09 3.29
CA GLN A 29 32.08 11.39 2.68
C GLN A 29 30.85 11.43 1.77
N LEU A 30 29.96 10.45 1.90
CA LEU A 30 28.77 10.42 1.06
C LEU A 30 27.47 10.56 1.85
N GLN A 31 27.56 11.23 3.00
CA GLN A 31 26.40 11.52 3.84
C GLN A 31 25.27 12.30 3.14
N LEU A 32 25.54 12.89 1.98
CA LEU A 32 24.52 13.64 1.25
C LEU A 32 23.39 12.73 0.79
N TYR A 33 23.68 11.44 0.67
CA TYR A 33 22.67 10.43 0.30
C TYR A 33 21.92 9.84 1.50
N ALA A 34 22.24 10.26 2.72
CA ALA A 34 21.54 9.77 3.92
C ALA A 34 20.02 9.86 3.77
N PRO A 35 19.50 11.00 3.29
CA PRO A 35 18.07 11.08 3.03
C PRO A 35 17.56 10.01 2.07
N ASN A 36 18.37 9.68 1.07
CA ASN A 36 17.97 8.68 0.07
C ASN A 36 17.76 7.31 0.72
N PHE A 37 18.75 6.84 1.47
CA PHE A 37 18.62 5.57 2.17
C PHE A 37 17.57 5.65 3.27
N ILE A 38 17.69 6.65 4.14
CA ILE A 38 16.86 6.72 5.33
C ILE A 38 15.37 6.83 4.99
N SER A 39 15.01 7.72 4.08
CA SER A 39 13.58 7.93 3.80
C SER A 39 12.95 6.75 3.06
N ALA A 40 13.78 5.89 2.48
CA ALA A 40 13.34 4.61 1.91
C ALA A 40 13.32 3.50 2.97
N GLY A 41 13.68 3.86 4.20
CA GLY A 41 13.66 2.92 5.31
C GLY A 41 14.73 1.85 5.20
N TYR A 42 15.86 2.20 4.57
CA TYR A 42 16.99 1.27 4.55
C TYR A 42 17.72 1.28 5.89
N ASP A 43 18.26 0.13 6.26
CA ASP A 43 19.12 -0.01 7.45
C ASP A 43 20.35 -0.79 7.02
N LEU A 44 21.45 -0.64 7.75
CA LEU A 44 22.72 -1.23 7.32
C LEU A 44 22.56 -2.70 6.89
N PRO A 45 21.89 -3.52 7.73
CA PRO A 45 21.68 -4.89 7.31
C PRO A 45 21.11 -5.01 5.90
N THR A 46 20.02 -4.31 5.64
CA THR A 46 19.39 -4.38 4.32
C THR A 46 20.30 -3.78 3.25
N ILE A 47 20.94 -2.66 3.57
CA ILE A 47 21.86 -2.03 2.63
C ILE A 47 22.88 -3.04 2.16
N SER A 48 23.37 -3.88 3.06
CA SER A 48 24.45 -4.84 2.74
C SER A 48 24.07 -5.83 1.64
N ARG A 49 22.77 -5.99 1.41
CA ARG A 49 22.29 -6.86 0.33
C ARG A 49 21.70 -6.09 -0.86
N MET A 50 22.03 -4.81 -0.99
CA MET A 50 21.57 -4.02 -2.12
C MET A 50 22.27 -4.40 -3.39
N THR A 51 21.49 -4.60 -4.45
CA THR A 51 22.01 -4.66 -5.80
C THR A 51 22.19 -3.22 -6.27
N PRO A 52 22.88 -3.00 -7.40
CA PRO A 52 23.02 -1.61 -7.86
C PRO A 52 21.70 -1.06 -8.41
N GLU A 53 20.86 -1.95 -8.94
CA GLU A 53 19.52 -1.55 -9.35
C GLU A 53 18.82 -0.88 -8.16
N ASP A 54 18.89 -1.53 -6.99
CA ASP A 54 18.36 -0.95 -5.75
C ASP A 54 18.93 0.47 -5.52
N LEU A 55 20.24 0.60 -5.63
CA LEU A 55 20.90 1.91 -5.53
C LEU A 55 20.28 2.96 -6.45
N THR A 56 20.17 2.65 -7.74
CA THR A 56 19.51 3.57 -8.67
C THR A 56 18.16 4.01 -8.14
N ALA A 57 17.38 3.02 -7.68
CA ALA A 57 15.99 3.25 -7.30
C ALA A 57 15.84 4.33 -6.25
N ILE A 58 16.81 4.43 -5.33
CA ILE A 58 16.76 5.46 -4.28
C ILE A 58 17.57 6.69 -4.65
N GLY A 59 17.91 6.80 -5.92
CA GLY A 59 18.40 8.06 -6.46
C GLY A 59 19.89 8.24 -6.50
N VAL A 60 20.67 7.25 -6.10
CA VAL A 60 22.13 7.34 -6.22
C VAL A 60 22.50 6.92 -7.64
N THR A 61 22.68 7.89 -8.52
CA THR A 61 22.79 7.62 -9.95
C THR A 61 24.18 7.93 -10.53
N LYS A 62 24.92 8.82 -9.88
CA LYS A 62 26.27 9.18 -10.32
C LYS A 62 27.23 8.00 -10.18
N PRO A 63 27.79 7.52 -11.31
CA PRO A 63 28.64 6.35 -11.37
C PRO A 63 29.73 6.28 -10.32
N GLY A 64 30.42 7.38 -10.09
CA GLY A 64 31.49 7.45 -9.11
C GLY A 64 31.01 7.13 -7.71
N HIS A 65 29.85 7.69 -7.32
CA HIS A 65 29.31 7.51 -5.99
C HIS A 65 28.73 6.12 -5.83
N ARG A 66 27.99 5.68 -6.85
CA ARG A 66 27.60 4.28 -6.97
C ARG A 66 28.71 3.33 -6.57
N LYS A 67 29.87 3.51 -7.19
CA LYS A 67 30.98 2.58 -7.07
C LYS A 67 31.62 2.61 -5.70
N LYS A 68 31.79 3.79 -5.13
CA LYS A 68 32.32 3.88 -3.77
C LYS A 68 31.39 3.13 -2.82
N ILE A 69 30.10 3.40 -2.93
CA ILE A 69 29.09 2.76 -2.09
C ILE A 69 29.07 1.27 -2.35
N ALA A 70 29.08 0.88 -3.62
CA ALA A 70 29.07 -0.53 -3.99
C ALA A 70 30.24 -1.26 -3.34
N ALA A 71 31.42 -0.65 -3.42
CA ALA A 71 32.62 -1.18 -2.78
C ALA A 71 32.49 -1.24 -1.27
N GLU A 72 32.00 -0.16 -0.66
CA GLU A 72 31.78 -0.11 0.79
C GLU A 72 30.70 -1.10 1.25
N ILE A 73 29.72 -1.37 0.39
CA ILE A 73 28.66 -2.35 0.67
C ILE A 73 29.26 -3.73 0.84
N SER A 74 30.05 -4.16 -0.13
CA SER A 74 30.74 -5.45 -0.04
C SER A 74 31.72 -5.45 1.14
N GLY A 75 32.23 -4.27 1.48
CA GLY A 75 33.07 -4.08 2.65
C GLY A 75 32.36 -4.29 3.98
N LEU A 76 31.04 -4.13 4.00
CA LEU A 76 30.25 -4.34 5.22
C LEU A 76 30.35 -5.79 5.69
N SER A 77 30.51 -5.95 6.99
CA SER A 77 30.45 -7.26 7.62
C SER A 77 29.63 -7.09 8.89
N ILE A 78 28.36 -7.49 8.81
CA ILE A 78 27.43 -7.29 9.92
C ILE A 78 26.62 -8.56 10.18
N PRO A 79 26.34 -8.85 11.46
CA PRO A 79 25.82 -10.14 11.91
C PRO A 79 24.55 -10.59 11.20
N ASP A 80 24.43 -11.90 11.03
CA ASP A 80 23.26 -12.52 10.40
C ASP A 80 21.99 -12.08 11.11
N TRP A 81 20.95 -11.81 10.32
CA TRP A 81 19.69 -11.27 10.85
C TRP A 81 18.43 -11.94 10.31
N LEU A 82 18.59 -12.77 9.28
CA LEU A 82 17.47 -13.49 8.70
C LEU A 82 17.24 -14.71 9.55
N PRO A 83 15.97 -15.01 9.87
CA PRO A 83 15.73 -16.19 10.69
C PRO A 83 16.09 -17.47 9.95
N GLU A 84 16.91 -18.31 10.58
CA GLU A 84 17.31 -19.60 10.01
C GLU A 84 16.19 -20.65 10.16
N HIS A 85 15.05 -20.26 10.74
CA HIS A 85 13.91 -21.15 10.93
C HIS A 85 12.60 -20.41 10.72
N LYS A 86 11.61 -21.13 10.19
CA LYS A 86 10.28 -20.56 9.96
C LYS A 86 9.60 -20.36 11.31
N PRO A 87 9.19 -19.12 11.61
CA PRO A 87 8.67 -18.83 12.94
C PRO A 87 7.22 -19.22 13.10
N ALA A 88 6.78 -19.25 14.35
CA ALA A 88 5.45 -19.74 14.72
C ALA A 88 4.31 -18.91 14.12
N ASN A 89 4.56 -17.64 13.89
CA ASN A 89 3.55 -16.72 13.41
C ASN A 89 4.12 -15.42 12.87
N LEU A 90 3.24 -14.66 12.22
CA LEU A 90 3.61 -13.44 11.51
C LEU A 90 4.18 -12.41 12.47
N ALA A 91 3.68 -12.38 13.70
CA ALA A 91 4.13 -11.39 14.69
C ALA A 91 5.59 -11.62 15.04
N VAL A 92 5.91 -12.86 15.42
CA VAL A 92 7.31 -13.23 15.70
C VAL A 92 8.25 -12.82 14.54
N TRP A 93 7.85 -13.21 13.34
CA TRP A 93 8.60 -13.00 12.13
C TRP A 93 8.88 -11.53 11.84
N LEU A 94 7.82 -10.72 11.89
CA LEU A 94 7.95 -9.28 11.60
C LEU A 94 8.85 -8.65 12.66
N SER A 95 8.67 -9.09 13.89
CA SER A 95 9.48 -8.63 15.01
C SER A 95 10.96 -8.93 14.77
N MET A 96 11.24 -10.17 14.37
CA MET A 96 12.62 -10.64 14.14
C MET A 96 13.37 -9.84 13.09
N ILE A 97 12.65 -9.34 12.10
CA ILE A 97 13.28 -8.56 11.04
C ILE A 97 12.96 -7.07 11.15
N GLY A 98 12.44 -6.65 12.29
CA GLY A 98 12.24 -5.23 12.58
C GLY A 98 11.31 -4.54 11.62
N LEU A 99 10.17 -5.15 11.35
CA LEU A 99 9.09 -4.53 10.58
C LEU A 99 7.73 -4.91 11.20
N ALA A 100 7.64 -4.83 12.52
CA ALA A 100 6.41 -5.15 13.22
C ALA A 100 5.31 -4.11 13.01
N GLN A 101 5.68 -2.89 12.59
CA GLN A 101 4.67 -1.87 12.35
C GLN A 101 3.74 -2.19 11.19
N TYR A 102 4.04 -3.26 10.46
CA TYR A 102 3.20 -3.69 9.34
C TYR A 102 2.27 -4.86 9.70
N TYR A 103 2.24 -5.23 10.98
CA TYR A 103 1.41 -6.32 11.42
C TYR A 103 -0.04 -6.14 10.96
N LYS A 104 -0.65 -5.00 11.26
CA LYS A 104 -2.05 -4.75 10.91
C LYS A 104 -2.29 -4.74 9.41
N VAL A 105 -1.55 -3.91 8.70
CA VAL A 105 -1.75 -3.77 7.25
C VAL A 105 -1.63 -5.12 6.55
N LEU A 106 -0.66 -5.94 6.94
CA LEU A 106 -0.53 -7.28 6.37
C LEU A 106 -1.72 -8.19 6.72
N VAL A 107 -2.09 -8.21 8.00
CA VAL A 107 -3.21 -9.04 8.47
C VAL A 107 -4.53 -8.62 7.82
N ASP A 108 -4.79 -7.31 7.84
CA ASP A 108 -6.02 -6.79 7.27
C ASP A 108 -6.14 -7.01 5.77
N ASN A 109 -5.02 -7.15 5.08
CA ASN A 109 -5.02 -7.41 3.64
C ASN A 109 -4.84 -8.89 3.30
N GLY A 110 -5.12 -9.76 4.25
CA GLY A 110 -5.15 -11.20 4.00
C GLY A 110 -3.82 -11.93 4.05
N TYR A 111 -2.76 -11.25 4.51
CA TYR A 111 -1.45 -11.87 4.65
C TYR A 111 -1.16 -12.22 6.12
N GLU A 112 -2.16 -12.78 6.79
CA GLU A 112 -2.12 -13.00 8.24
C GLU A 112 -1.27 -14.20 8.66
N ASN A 113 -1.02 -15.14 7.75
CA ASN A 113 -0.13 -16.27 8.05
C ASN A 113 1.11 -16.26 7.15
N ILE A 114 2.13 -16.98 7.58
CA ILE A 114 3.44 -16.94 6.94
C ILE A 114 3.39 -17.46 5.49
N ASP A 115 2.65 -18.55 5.29
CA ASP A 115 2.58 -19.22 3.98
C ASP A 115 2.12 -18.27 2.89
N PHE A 116 1.15 -17.42 3.22
CA PHE A 116 0.64 -16.46 2.26
C PHE A 116 1.70 -15.44 1.86
N ILE A 117 2.55 -15.07 2.81
CA ILE A 117 3.63 -14.13 2.54
C ILE A 117 4.60 -14.70 1.51
N THR A 118 4.95 -15.98 1.65
CA THR A 118 5.99 -16.59 0.80
C THR A 118 5.74 -16.45 -0.71
N ASP A 119 4.48 -16.30 -1.09
CA ASP A 119 4.11 -16.03 -2.48
C ASP A 119 4.32 -14.56 -2.87
N ILE A 120 4.54 -13.68 -1.89
CA ILE A 120 4.42 -12.23 -2.09
C ILE A 120 5.50 -11.65 -2.99
N THR A 121 5.18 -10.54 -3.65
CA THR A 121 6.09 -9.82 -4.52
C THR A 121 5.98 -8.34 -4.22
N TRP A 122 6.89 -7.55 -4.78
CA TRP A 122 6.91 -6.12 -4.48
C TRP A 122 5.65 -5.41 -5.00
N GLU A 123 5.09 -5.93 -6.09
CA GLU A 123 3.84 -5.39 -6.61
C GLU A 123 2.73 -5.50 -5.57
N ASP A 124 2.71 -6.62 -4.85
CA ASP A 124 1.71 -6.87 -3.81
C ASP A 124 1.85 -5.92 -2.65
N LEU A 125 3.10 -5.60 -2.29
CA LEU A 125 3.38 -4.71 -1.19
C LEU A 125 2.98 -3.28 -1.53
N GLN A 126 3.23 -2.89 -2.79
CA GLN A 126 2.81 -1.57 -3.28
C GLN A 126 1.28 -1.40 -3.21
N GLU A 127 0.56 -2.48 -3.52
CA GLU A 127 -0.90 -2.48 -3.50
C GLU A 127 -1.46 -2.14 -2.11
N ILE A 128 -0.85 -2.67 -1.06
CA ILE A 128 -1.37 -2.52 0.30
C ILE A 128 -0.72 -1.36 1.07
N GLY A 129 0.17 -0.63 0.41
CA GLY A 129 0.74 0.59 0.99
C GLY A 129 2.18 0.50 1.48
N ILE A 130 2.68 -0.72 1.70
CA ILE A 130 4.08 -0.89 2.10
C ILE A 130 4.99 -0.51 0.91
N THR A 131 5.35 0.76 0.84
CA THR A 131 5.97 1.32 -0.36
C THR A 131 7.45 1.70 -0.19
N LYS A 132 7.86 2.00 1.04
CA LYS A 132 9.26 2.30 1.30
C LYS A 132 10.20 1.19 0.76
N LEU A 133 10.99 1.56 -0.26
CA LEU A 133 11.83 0.59 -1.00
C LEU A 133 12.76 -0.24 -0.14
N GLY A 134 13.32 0.38 0.89
CA GLY A 134 14.17 -0.35 1.85
C GLY A 134 13.35 -1.42 2.59
N HIS A 135 12.17 -1.04 3.05
CA HIS A 135 11.30 -2.01 3.72
C HIS A 135 10.88 -3.14 2.79
N GLN A 136 10.51 -2.80 1.57
CA GLN A 136 10.22 -3.84 0.59
C GLN A 136 11.40 -4.78 0.44
N LYS A 137 12.59 -4.23 0.21
CA LYS A 137 13.78 -5.05 0.05
C LYS A 137 13.91 -6.01 1.23
N LYS A 138 13.89 -5.48 2.45
CA LYS A 138 14.03 -6.30 3.65
C LYS A 138 12.95 -7.35 3.70
N LEU A 139 11.73 -6.90 3.52
CA LEU A 139 10.58 -7.78 3.50
C LEU A 139 10.76 -8.88 2.45
N MET A 140 11.18 -8.49 1.25
CA MET A 140 11.44 -9.43 0.16
C MET A 140 12.60 -10.38 0.45
N LEU A 141 13.65 -9.89 1.08
CA LEU A 141 14.79 -10.73 1.50
C LEU A 141 14.33 -11.83 2.46
N ALA A 142 13.47 -11.46 3.39
CA ALA A 142 12.98 -12.36 4.41
C ALA A 142 12.12 -13.45 3.79
N VAL A 143 11.35 -13.06 2.79
CA VAL A 143 10.46 -13.99 2.08
C VAL A 143 11.25 -15.03 1.31
N ARG A 144 12.30 -14.63 0.62
CA ARG A 144 13.18 -15.57 -0.07
C ARG A 144 13.81 -16.60 0.87
N LYS A 145 14.17 -16.16 2.07
CA LYS A 145 14.82 -17.06 3.05
C LYS A 145 13.88 -18.15 3.48
N LEU A 146 12.60 -17.80 3.63
CA LEU A 146 11.56 -18.78 3.90
C LEU A 146 11.42 -19.74 2.72
N ALA A 147 11.32 -19.18 1.51
CA ALA A 147 11.29 -19.97 0.29
C ALA A 147 12.45 -20.96 0.21
N GLU A 148 13.64 -20.53 0.64
CA GLU A 148 14.82 -21.41 0.68
C GLU A 148 14.67 -22.49 1.74
N LEU A 149 14.14 -22.10 2.90
CA LEU A 149 13.93 -23.04 4.01
C LEU A 149 12.91 -24.12 3.67
N GLN A 150 11.89 -23.78 2.88
CA GLN A 150 10.93 -24.77 2.40
C GLN A 150 11.60 -25.84 1.58
N LYS A 151 12.23 -25.43 0.49
CA LYS A 151 12.91 -26.37 -0.43
C LYS A 151 13.91 -27.27 0.28
N ALA A 152 14.48 -26.78 1.39
CA ALA A 152 15.36 -27.57 2.23
C ALA A 152 14.66 -28.75 2.92
N GLU A 153 13.34 -28.70 3.01
CA GLU A 153 12.54 -29.82 3.53
C GLU A 153 12.28 -30.87 2.45
N TYR A 154 11.95 -30.43 1.25
CA TYR A 154 11.57 -31.34 0.15
C TYR A 154 12.75 -32.16 -0.34
N ALA A 155 13.93 -31.58 -0.30
CA ALA A 155 15.18 -32.32 -0.55
C ALA A 155 15.27 -33.55 0.36
N LYS A 156 14.75 -33.42 1.59
CA LYS A 156 14.63 -34.54 2.51
C LYS A 156 13.35 -35.34 2.28
N TYR A 157 12.23 -34.63 2.13
CA TYR A 157 10.90 -35.23 2.09
C TYR A 157 10.30 -35.16 0.69
N LYS B 16 -23.33 -32.93 -3.78
CA LYS B 16 -21.86 -33.21 -3.83
C LYS B 16 -21.08 -32.03 -4.40
N SER B 17 -21.69 -31.29 -5.32
CA SER B 17 -21.05 -30.15 -5.97
C SER B 17 -20.50 -29.12 -4.98
N SER B 18 -21.27 -28.84 -3.94
CA SER B 18 -20.87 -27.90 -2.89
C SER B 18 -19.82 -28.51 -1.96
N GLU B 19 -20.00 -29.77 -1.61
CA GLU B 19 -19.01 -30.51 -0.82
C GLU B 19 -17.61 -30.34 -1.42
N ALA B 20 -17.50 -30.53 -2.73
CA ALA B 20 -16.23 -30.46 -3.44
C ALA B 20 -15.51 -29.14 -3.21
N VAL B 21 -16.28 -28.05 -3.22
CA VAL B 21 -15.76 -26.70 -3.00
C VAL B 21 -15.27 -26.55 -1.58
N SER B 22 -16.16 -26.80 -0.62
CA SER B 22 -15.84 -26.70 0.81
C SER B 22 -14.57 -27.46 1.17
N GLN B 23 -14.37 -28.62 0.54
CA GLN B 23 -13.12 -29.37 0.70
C GLN B 23 -11.96 -28.59 0.12
N TRP B 24 -12.05 -28.27 -1.17
CA TRP B 24 -11.04 -27.49 -1.88
C TRP B 24 -10.51 -26.31 -1.07
N LEU B 25 -11.42 -25.59 -0.41
CA LEU B 25 -11.07 -24.40 0.36
C LEU B 25 -10.46 -24.69 1.73
N THR B 26 -10.76 -25.87 2.30
CA THR B 26 -10.07 -26.31 3.52
C THR B 26 -8.63 -26.72 3.19
N ALA B 27 -8.45 -27.35 2.03
CA ALA B 27 -7.14 -27.82 1.55
C ALA B 27 -6.02 -26.77 1.58
N PHE B 28 -6.38 -25.50 1.41
CA PHE B 28 -5.45 -24.39 1.65
C PHE B 28 -6.03 -23.39 2.64
N GLN B 29 -7.01 -23.85 3.41
CA GLN B 29 -7.38 -23.24 4.70
C GLN B 29 -8.10 -21.91 4.56
N LEU B 30 -8.82 -21.74 3.45
CA LEU B 30 -9.67 -20.57 3.22
C LEU B 30 -11.14 -21.01 3.13
N GLN B 31 -11.50 -21.97 3.96
CA GLN B 31 -12.87 -22.47 4.05
C GLN B 31 -13.87 -21.47 4.64
N LEU B 32 -13.38 -20.32 5.10
CA LEU B 32 -14.27 -19.28 5.62
C LEU B 32 -15.05 -18.59 4.50
N TYR B 33 -14.56 -18.73 3.27
CA TYR B 33 -15.23 -18.18 2.08
C TYR B 33 -16.18 -19.17 1.39
N ALA B 34 -16.24 -20.41 1.88
CA ALA B 34 -17.14 -21.42 1.32
C ALA B 34 -18.58 -20.92 1.14
N PRO B 35 -19.13 -20.19 2.12
CA PRO B 35 -20.45 -19.60 1.94
C PRO B 35 -20.52 -18.61 0.78
N ASN B 36 -19.47 -17.81 0.64
CA ASN B 36 -19.40 -16.83 -0.44
C ASN B 36 -19.57 -17.50 -1.80
N PHE B 37 -18.89 -18.62 -2.00
CA PHE B 37 -19.00 -19.40 -3.23
C PHE B 37 -20.33 -20.14 -3.32
N ILE B 38 -20.62 -20.95 -2.31
CA ILE B 38 -21.75 -21.86 -2.34
C ILE B 38 -23.08 -21.13 -2.48
N SER B 39 -23.29 -20.09 -1.68
CA SER B 39 -24.51 -19.31 -1.78
C SER B 39 -24.61 -18.58 -3.14
N ALA B 40 -23.46 -18.30 -3.75
CA ALA B 40 -23.43 -17.79 -5.13
C ALA B 40 -23.62 -18.90 -6.16
N GLY B 41 -23.81 -20.13 -5.71
CA GLY B 41 -24.03 -21.27 -6.61
C GLY B 41 -22.84 -21.55 -7.50
N TYR B 42 -21.64 -21.35 -6.96
CA TYR B 42 -20.41 -21.66 -7.68
C TYR B 42 -20.02 -23.12 -7.45
N ASP B 43 -19.50 -23.76 -8.49
CA ASP B 43 -18.95 -25.11 -8.39
C ASP B 43 -17.55 -25.10 -8.98
N LEU B 44 -16.80 -26.18 -8.74
CA LEU B 44 -15.41 -26.22 -9.15
C LEU B 44 -15.21 -25.90 -10.64
N PRO B 45 -16.02 -26.51 -11.52
CA PRO B 45 -15.89 -26.18 -12.93
C PRO B 45 -15.99 -24.69 -13.20
N THR B 46 -17.01 -24.04 -12.68
CA THR B 46 -17.22 -22.61 -12.89
C THR B 46 -16.18 -21.77 -12.15
N ILE B 47 -15.80 -22.21 -10.94
CA ILE B 47 -14.75 -21.53 -10.17
C ILE B 47 -13.47 -21.46 -10.98
N SER B 48 -13.16 -22.54 -11.69
CA SER B 48 -11.90 -22.65 -12.45
C SER B 48 -11.75 -21.62 -13.57
N ARG B 49 -12.83 -20.95 -13.94
CA ARG B 49 -12.76 -19.90 -14.96
C ARG B 49 -13.10 -18.51 -14.40
N MET B 50 -12.99 -18.37 -13.08
CA MET B 50 -13.20 -17.09 -12.40
C MET B 50 -12.05 -16.14 -12.64
N THR B 51 -12.38 -14.89 -13.00
CA THR B 51 -11.42 -13.80 -12.96
C THR B 51 -11.42 -13.21 -11.55
N PRO B 52 -10.35 -12.47 -11.17
CA PRO B 52 -10.33 -11.93 -9.81
C PRO B 52 -11.39 -10.83 -9.59
N GLU B 53 -11.90 -10.28 -10.67
CA GLU B 53 -13.07 -9.40 -10.59
C GLU B 53 -14.28 -10.19 -10.08
N ASP B 54 -14.42 -11.44 -10.53
CA ASP B 54 -15.49 -12.34 -10.05
C ASP B 54 -15.32 -12.65 -8.56
N LEU B 55 -14.07 -12.75 -8.11
CA LEU B 55 -13.80 -12.99 -6.69
C LEU B 55 -14.27 -11.82 -5.84
N THR B 56 -13.86 -10.61 -6.21
CA THR B 56 -14.35 -9.41 -5.54
C THR B 56 -15.87 -9.46 -5.50
N ALA B 57 -16.46 -9.91 -6.61
CA ALA B 57 -17.91 -9.95 -6.74
C ALA B 57 -18.58 -10.76 -5.63
N ILE B 58 -17.91 -11.81 -5.14
CA ILE B 58 -18.48 -12.65 -4.07
C ILE B 58 -17.83 -12.36 -2.72
N GLY B 59 -17.19 -11.21 -2.63
CA GLY B 59 -16.69 -10.70 -1.36
C GLY B 59 -15.36 -11.28 -0.88
N VAL B 60 -14.54 -11.74 -1.81
CA VAL B 60 -13.16 -12.07 -1.50
C VAL B 60 -12.32 -10.86 -1.88
N THR B 61 -12.25 -9.90 -0.97
CA THR B 61 -11.64 -8.60 -1.25
C THR B 61 -10.19 -8.50 -0.78
N LYS B 62 -9.89 -9.10 0.37
CA LYS B 62 -8.54 -9.12 0.94
C LYS B 62 -7.54 -9.67 -0.07
N PRO B 63 -6.58 -8.83 -0.54
CA PRO B 63 -5.64 -9.20 -1.61
C PRO B 63 -4.89 -10.51 -1.40
N GLY B 64 -4.45 -10.77 -0.17
CA GLY B 64 -3.68 -11.96 0.15
C GLY B 64 -4.44 -13.24 -0.11
N HIS B 65 -5.74 -13.21 0.19
CA HIS B 65 -6.61 -14.37 0.01
C HIS B 65 -7.00 -14.52 -1.45
N ARG B 66 -7.37 -13.40 -2.05
CA ARG B 66 -7.65 -13.35 -3.48
C ARG B 66 -6.47 -13.93 -4.28
N LYS B 67 -5.27 -13.54 -3.88
CA LYS B 67 -4.02 -14.00 -4.49
C LYS B 67 -3.88 -15.52 -4.43
N LYS B 68 -4.10 -16.08 -3.25
CA LYS B 68 -3.92 -17.51 -3.03
C LYS B 68 -4.97 -18.26 -3.81
N ILE B 69 -6.21 -17.80 -3.73
CA ILE B 69 -7.31 -18.44 -4.44
C ILE B 69 -7.04 -18.44 -5.94
N ALA B 70 -6.64 -17.29 -6.47
CA ALA B 70 -6.35 -17.18 -7.90
C ALA B 70 -5.22 -18.13 -8.31
N ALA B 71 -4.24 -18.31 -7.42
CA ALA B 71 -3.15 -19.28 -7.63
C ALA B 71 -3.67 -20.71 -7.62
N GLU B 72 -4.57 -21.02 -6.68
CA GLU B 72 -5.17 -22.34 -6.58
C GLU B 72 -6.14 -22.60 -7.73
N ILE B 73 -6.84 -21.55 -8.16
CA ILE B 73 -7.72 -21.61 -9.35
C ILE B 73 -6.91 -21.99 -10.59
N SER B 74 -5.75 -21.37 -10.76
CA SER B 74 -4.87 -21.71 -11.88
C SER B 74 -4.29 -23.12 -11.71
N GLY B 75 -4.28 -23.60 -10.47
CA GLY B 75 -3.86 -24.96 -10.13
C GLY B 75 -4.90 -26.04 -10.32
N LEU B 76 -6.18 -25.66 -10.39
CA LEU B 76 -7.27 -26.60 -10.65
C LEU B 76 -7.15 -27.19 -12.04
N SER B 77 -7.17 -28.52 -12.10
CA SER B 77 -7.15 -29.26 -13.35
C SER B 77 -8.35 -30.20 -13.35
N ILE B 78 -9.39 -29.82 -14.10
CA ILE B 78 -10.65 -30.55 -14.09
C ILE B 78 -11.19 -30.73 -15.52
N PRO B 79 -11.84 -31.88 -15.80
CA PRO B 79 -12.24 -32.23 -17.16
C PRO B 79 -13.18 -31.22 -17.80
N ASP B 80 -13.07 -31.07 -19.12
CA ASP B 80 -13.93 -30.16 -19.86
C ASP B 80 -15.40 -30.49 -19.64
N TRP B 81 -16.21 -29.44 -19.50
CA TRP B 81 -17.64 -29.58 -19.12
C TRP B 81 -18.61 -28.79 -20.00
N LEU B 82 -18.11 -27.86 -20.81
CA LEU B 82 -18.94 -27.13 -21.76
C LEU B 82 -19.18 -28.03 -22.97
N PRO B 83 -20.41 -28.05 -23.48
CA PRO B 83 -20.69 -28.90 -24.64
C PRO B 83 -19.98 -28.37 -25.88
N GLU B 84 -19.09 -29.19 -26.44
CA GLU B 84 -18.26 -28.80 -27.58
C GLU B 84 -19.09 -28.66 -28.87
N HIS B 85 -20.36 -29.06 -28.82
CA HIS B 85 -21.30 -28.86 -29.93
C HIS B 85 -22.55 -28.11 -29.46
N LYS B 86 -23.25 -27.50 -30.42
CA LYS B 86 -24.50 -26.78 -30.14
C LYS B 86 -25.66 -27.75 -30.12
N PRO B 87 -26.34 -27.88 -28.95
CA PRO B 87 -27.38 -28.87 -28.79
C PRO B 87 -28.68 -28.49 -29.50
N ALA B 88 -29.64 -29.41 -29.47
CA ALA B 88 -30.86 -29.28 -30.26
C ALA B 88 -31.82 -28.20 -29.75
N ASN B 89 -31.75 -27.92 -28.45
CA ASN B 89 -32.65 -26.95 -27.83
C ASN B 89 -32.17 -26.48 -26.46
N LEU B 90 -32.80 -25.40 -26.00
CA LEU B 90 -32.46 -24.77 -24.72
C LEU B 90 -32.45 -25.77 -23.55
N ALA B 91 -33.45 -26.66 -23.52
CA ALA B 91 -33.63 -27.58 -22.40
C ALA B 91 -32.40 -28.45 -22.26
N VAL B 92 -32.12 -29.21 -23.31
CA VAL B 92 -30.97 -30.12 -23.30
C VAL B 92 -29.71 -29.36 -22.91
N TRP B 93 -29.56 -28.17 -23.48
CA TRP B 93 -28.41 -27.30 -23.20
C TRP B 93 -28.30 -26.98 -21.72
N LEU B 94 -29.36 -26.40 -21.17
CA LEU B 94 -29.37 -26.02 -19.75
C LEU B 94 -29.10 -27.23 -18.89
N SER B 95 -29.69 -28.35 -19.28
CA SER B 95 -29.53 -29.62 -18.57
C SER B 95 -28.07 -30.11 -18.59
N MET B 96 -27.44 -29.99 -19.75
CA MET B 96 -26.05 -30.42 -19.92
C MET B 96 -25.09 -29.67 -19.01
N ILE B 97 -25.36 -28.39 -18.76
CA ILE B 97 -24.48 -27.57 -17.90
C ILE B 97 -25.02 -27.39 -16.48
N GLY B 98 -26.09 -28.12 -16.16
CA GLY B 98 -26.60 -28.18 -14.78
C GLY B 98 -27.27 -26.91 -14.32
N LEU B 99 -28.08 -26.33 -15.20
CA LEU B 99 -28.88 -25.16 -14.87
C LEU B 99 -30.32 -25.34 -15.37
N ALA B 100 -30.76 -26.59 -15.42
CA ALA B 100 -32.09 -26.94 -15.93
C ALA B 100 -33.21 -26.24 -15.18
N GLN B 101 -32.97 -25.85 -13.93
CA GLN B 101 -33.99 -25.15 -13.16
C GLN B 101 -34.32 -23.74 -13.66
N TYR B 102 -33.66 -23.28 -14.72
CA TYR B 102 -33.94 -21.97 -15.33
C TYR B 102 -34.68 -22.07 -16.68
N TYR B 103 -34.94 -23.28 -17.13
CA TYR B 103 -35.58 -23.43 -18.40
C TYR B 103 -36.81 -22.52 -18.51
N LYS B 104 -37.76 -22.65 -17.58
CA LYS B 104 -39.03 -21.91 -17.72
C LYS B 104 -38.79 -20.41 -17.62
N VAL B 105 -38.06 -19.99 -16.59
CA VAL B 105 -37.84 -18.55 -16.35
C VAL B 105 -37.21 -17.90 -17.57
N LEU B 106 -36.25 -18.56 -18.18
CA LEU B 106 -35.75 -18.13 -19.49
C LEU B 106 -36.88 -18.07 -20.52
N VAL B 107 -37.63 -19.16 -20.66
CA VAL B 107 -38.69 -19.19 -21.68
C VAL B 107 -39.74 -18.14 -21.41
N ASP B 108 -40.17 -18.01 -20.15
CA ASP B 108 -41.17 -17.01 -19.78
C ASP B 108 -40.73 -15.60 -20.13
N ASN B 109 -39.43 -15.34 -20.00
CA ASN B 109 -38.89 -14.01 -20.27
C ASN B 109 -38.35 -13.86 -21.68
N GLY B 110 -38.70 -14.79 -22.55
CA GLY B 110 -38.50 -14.62 -23.99
C GLY B 110 -37.11 -14.97 -24.47
N TYR B 111 -36.41 -15.79 -23.70
CA TYR B 111 -35.10 -16.30 -24.08
C TYR B 111 -35.24 -17.78 -24.42
N GLU B 112 -36.29 -18.12 -25.17
CA GLU B 112 -36.73 -19.51 -25.32
C GLU B 112 -35.90 -20.38 -26.28
N ASN B 113 -35.12 -19.77 -27.18
CA ASN B 113 -34.23 -20.58 -28.03
C ASN B 113 -32.77 -20.18 -27.94
N ILE B 114 -31.91 -21.09 -28.38
CA ILE B 114 -30.46 -20.97 -28.22
C ILE B 114 -29.92 -19.62 -28.74
N ASP B 115 -30.46 -19.17 -29.87
CA ASP B 115 -29.95 -18.01 -30.58
C ASP B 115 -30.17 -16.70 -29.82
N PHE B 116 -31.37 -16.49 -29.30
CA PHE B 116 -31.62 -15.32 -28.42
C PHE B 116 -30.67 -15.36 -27.22
N ILE B 117 -30.22 -16.56 -26.84
CA ILE B 117 -29.31 -16.73 -25.71
C ILE B 117 -27.90 -16.19 -25.99
N THR B 118 -27.35 -16.47 -27.17
CA THR B 118 -26.04 -15.90 -27.57
C THR B 118 -26.01 -14.38 -27.41
N ASP B 119 -27.16 -13.76 -27.64
CA ASP B 119 -27.31 -12.32 -27.50
C ASP B 119 -27.37 -11.84 -26.05
N ILE B 120 -27.59 -12.75 -25.11
CA ILE B 120 -27.80 -12.39 -23.69
C ILE B 120 -26.53 -11.80 -23.05
N THR B 121 -26.73 -11.04 -21.98
CA THR B 121 -25.65 -10.48 -21.20
C THR B 121 -25.95 -10.67 -19.72
N TRP B 122 -25.05 -10.20 -18.87
CA TRP B 122 -25.18 -10.36 -17.42
C TRP B 122 -26.35 -9.57 -16.86
N GLU B 123 -26.45 -8.30 -17.23
CA GLU B 123 -27.48 -7.42 -16.63
C GLU B 123 -28.88 -7.92 -16.96
N ASP B 124 -28.99 -8.61 -18.09
CA ASP B 124 -30.24 -9.23 -18.50
C ASP B 124 -30.67 -10.26 -17.47
N LEU B 125 -29.72 -11.09 -17.04
CA LEU B 125 -30.01 -12.17 -16.10
C LEU B 125 -30.50 -11.64 -14.77
N GLN B 126 -29.82 -10.63 -14.27
CA GLN B 126 -30.23 -9.95 -13.04
C GLN B 126 -31.71 -9.53 -13.11
N GLU B 127 -32.11 -8.98 -14.26
CA GLU B 127 -33.46 -8.45 -14.47
C GLU B 127 -34.52 -9.53 -14.31
N ILE B 128 -34.29 -10.67 -14.95
CA ILE B 128 -35.26 -11.76 -14.96
C ILE B 128 -35.18 -12.67 -13.73
N GLY B 129 -34.26 -12.40 -12.82
CA GLY B 129 -34.23 -13.08 -11.52
C GLY B 129 -33.07 -14.04 -11.30
N ILE B 130 -32.34 -14.37 -12.34
CA ILE B 130 -31.18 -15.24 -12.21
C ILE B 130 -30.04 -14.46 -11.58
N THR B 131 -30.01 -14.48 -10.24
CA THR B 131 -29.19 -13.53 -9.47
C THR B 131 -27.87 -14.11 -8.96
N LYS B 132 -27.81 -15.43 -8.79
CA LYS B 132 -26.63 -16.08 -8.24
C LYS B 132 -25.42 -15.96 -9.16
N LEU B 133 -24.40 -15.25 -8.67
CA LEU B 133 -23.27 -14.88 -9.50
C LEU B 133 -22.61 -16.08 -10.15
N GLY B 134 -22.46 -17.16 -9.40
CA GLY B 134 -21.89 -18.40 -9.95
C GLY B 134 -22.71 -18.97 -11.09
N HIS B 135 -24.03 -18.94 -10.94
CA HIS B 135 -24.89 -19.35 -12.04
C HIS B 135 -24.76 -18.41 -13.22
N GLN B 136 -24.75 -17.11 -12.97
CA GLN B 136 -24.59 -16.15 -14.06
C GLN B 136 -23.31 -16.49 -14.81
N LYS B 137 -22.22 -16.61 -14.06
CA LYS B 137 -20.92 -16.90 -14.67
C LYS B 137 -21.00 -18.17 -15.50
N LYS B 138 -21.51 -19.24 -14.90
CA LYS B 138 -21.65 -20.51 -15.63
C LYS B 138 -22.45 -20.32 -16.91
N LEU B 139 -23.59 -19.66 -16.81
CA LEU B 139 -24.45 -19.40 -17.96
C LEU B 139 -23.67 -18.66 -19.04
N MET B 140 -23.02 -17.57 -18.63
CA MET B 140 -22.29 -16.71 -19.55
C MET B 140 -21.13 -17.45 -20.21
N LEU B 141 -20.46 -18.32 -19.44
CA LEU B 141 -19.38 -19.12 -19.99
C LEU B 141 -19.89 -19.99 -21.11
N ALA B 142 -21.05 -20.61 -20.89
CA ALA B 142 -21.66 -21.51 -21.87
C ALA B 142 -22.09 -20.75 -23.13
N VAL B 143 -22.57 -19.51 -22.97
CA VAL B 143 -22.96 -18.68 -24.09
C VAL B 143 -21.76 -18.36 -24.99
N ARG B 144 -20.68 -17.88 -24.39
CA ARG B 144 -19.47 -17.55 -25.15
C ARG B 144 -18.95 -18.72 -25.97
N LYS B 145 -19.07 -19.93 -25.44
CA LYS B 145 -18.69 -21.14 -26.18
C LYS B 145 -19.55 -21.28 -27.42
N LEU B 146 -20.86 -21.13 -27.26
CA LEU B 146 -21.79 -21.12 -28.40
C LEU B 146 -21.45 -20.01 -29.38
N ALA B 147 -21.15 -18.82 -28.84
CA ALA B 147 -20.72 -17.70 -29.66
C ALA B 147 -19.44 -18.02 -30.47
N GLU B 148 -18.49 -18.69 -29.82
CA GLU B 148 -17.25 -19.12 -30.49
C GLU B 148 -17.53 -20.12 -31.61
N LEU B 149 -18.49 -21.02 -31.38
CA LEU B 149 -18.83 -22.04 -32.38
C LEU B 149 -19.44 -21.44 -33.65
N GLN B 150 -20.24 -20.38 -33.50
CA GLN B 150 -20.83 -19.70 -34.66
C GLN B 150 -19.74 -19.15 -35.58
N LYS B 151 -18.88 -18.30 -35.04
CA LYS B 151 -17.79 -17.68 -35.80
C LYS B 151 -16.81 -18.70 -36.38
N ALA B 152 -16.79 -19.90 -35.81
CA ALA B 152 -15.98 -21.01 -36.33
C ALA B 152 -16.40 -21.45 -37.74
N GLU B 153 -17.69 -21.33 -38.05
CA GLU B 153 -18.21 -21.72 -39.38
C GLU B 153 -17.73 -20.80 -40.52
N TYR B 154 -17.60 -19.51 -40.22
CA TYR B 154 -17.31 -18.51 -41.26
C TYR B 154 -15.82 -18.52 -41.60
N LYS C 16 -0.61 18.73 -28.87
CA LYS C 16 0.01 19.79 -29.73
C LYS C 16 0.54 20.98 -28.92
N SER C 17 0.38 20.91 -27.60
CA SER C 17 1.01 21.88 -26.69
C SER C 17 2.54 21.75 -26.75
N SER C 18 3.02 20.53 -26.94
CA SER C 18 4.46 20.25 -27.05
C SER C 18 5.05 20.77 -28.37
N GLU C 19 4.20 20.88 -29.39
CA GLU C 19 4.62 21.41 -30.69
C GLU C 19 5.23 22.81 -30.55
N ALA C 20 4.59 23.65 -29.75
CA ALA C 20 5.02 25.05 -29.54
C ALA C 20 6.46 25.15 -29.03
N VAL C 21 6.84 24.22 -28.16
CA VAL C 21 8.18 24.18 -27.58
C VAL C 21 9.25 23.86 -28.63
N SER C 22 8.98 22.87 -29.47
CA SER C 22 9.94 22.43 -30.49
C SER C 22 10.38 23.58 -31.39
N GLN C 23 9.40 24.39 -31.82
CA GLN C 23 9.66 25.57 -32.64
C GLN C 23 10.39 26.66 -31.86
N TRP C 24 10.07 26.78 -30.58
CA TRP C 24 10.75 27.75 -29.71
C TRP C 24 12.24 27.44 -29.62
N LEU C 25 12.56 26.18 -29.37
CA LEU C 25 13.96 25.72 -29.32
C LEU C 25 14.63 25.82 -30.69
N THR C 26 13.87 25.53 -31.74
CA THR C 26 14.36 25.67 -33.12
C THR C 26 14.78 27.11 -33.40
N ALA C 27 14.05 28.05 -32.83
CA ALA C 27 14.34 29.48 -33.00
C ALA C 27 15.80 29.83 -32.74
N PHE C 28 16.38 29.26 -31.69
CA PHE C 28 17.79 29.51 -31.35
C PHE C 28 18.64 28.24 -31.45
N GLN C 29 18.26 27.36 -32.37
CA GLN C 29 19.07 26.19 -32.75
C GLN C 29 19.47 25.30 -31.58
N LEU C 30 18.52 25.02 -30.69
CA LEU C 30 18.72 24.08 -29.59
C LEU C 30 17.58 23.07 -29.50
N GLN C 31 16.93 22.83 -30.65
CA GLN C 31 15.86 21.84 -30.78
C GLN C 31 16.29 20.42 -30.39
N LEU C 32 17.60 20.17 -30.32
CA LEU C 32 18.12 18.87 -29.88
C LEU C 32 17.71 18.57 -28.44
N TYR C 33 17.42 19.62 -27.67
CA TYR C 33 16.90 19.47 -26.30
C TYR C 33 15.38 19.39 -26.22
N ALA C 34 14.72 19.27 -27.38
CA ALA C 34 13.26 19.14 -27.43
C ALA C 34 12.71 18.01 -26.55
N PRO C 35 13.18 16.77 -26.78
CA PRO C 35 12.63 15.64 -26.01
C PRO C 35 12.88 15.72 -24.51
N ASN C 36 13.93 16.45 -24.11
CA ASN C 36 14.27 16.63 -22.70
C ASN C 36 13.15 17.38 -21.96
N PHE C 37 12.60 18.41 -22.60
CA PHE C 37 11.44 19.13 -22.07
C PHE C 37 10.16 18.32 -22.22
N ILE C 38 9.96 17.78 -23.42
CA ILE C 38 8.71 17.11 -23.78
C ILE C 38 8.41 15.93 -22.86
N SER C 39 9.37 15.03 -22.73
CA SER C 39 9.18 13.82 -21.92
C SER C 39 9.07 14.13 -20.43
N ALA C 40 9.55 15.29 -20.00
CA ALA C 40 9.41 15.73 -18.61
C ALA C 40 8.01 16.29 -18.33
N GLY C 41 7.24 16.49 -19.38
CA GLY C 41 5.86 16.98 -19.27
C GLY C 41 5.79 18.50 -19.15
N TYR C 42 6.73 19.18 -19.79
CA TYR C 42 6.81 20.64 -19.71
C TYR C 42 6.00 21.31 -20.83
N ASP C 43 5.31 22.40 -20.50
CA ASP C 43 4.72 23.29 -21.50
C ASP C 43 5.31 24.69 -21.33
N LEU C 44 5.22 25.50 -22.39
CA LEU C 44 5.77 26.86 -22.38
C LEU C 44 5.41 27.63 -21.10
N PRO C 45 4.13 27.60 -20.69
CA PRO C 45 3.76 28.24 -19.42
C PRO C 45 4.60 27.76 -18.24
N THR C 46 4.74 26.45 -18.13
CA THR C 46 5.54 25.85 -17.05
C THR C 46 7.01 26.24 -17.21
N ILE C 47 7.52 26.15 -18.45
CA ILE C 47 8.91 26.45 -18.74
C ILE C 47 9.30 27.89 -18.44
N SER C 48 8.33 28.80 -18.50
CA SER C 48 8.59 30.22 -18.22
C SER C 48 9.03 30.46 -16.78
N ARG C 49 8.67 29.54 -15.88
CA ARG C 49 9.03 29.64 -14.47
C ARG C 49 10.17 28.69 -14.04
N MET C 50 10.89 28.11 -15.00
CA MET C 50 12.02 27.22 -14.70
C MET C 50 13.24 27.97 -14.20
N THR C 51 13.93 27.38 -13.24
CA THR C 51 15.26 27.84 -12.81
C THR C 51 16.34 27.07 -13.57
N PRO C 52 17.59 27.57 -13.55
CA PRO C 52 18.69 26.83 -14.18
C PRO C 52 18.81 25.39 -13.63
N GLU C 53 18.60 25.25 -12.34
CA GLU C 53 18.64 23.95 -11.72
C GLU C 53 17.56 23.02 -12.31
N ASP C 54 16.40 23.56 -12.65
CA ASP C 54 15.35 22.76 -13.28
C ASP C 54 15.81 22.21 -14.64
N LEU C 55 16.59 23.03 -15.35
CA LEU C 55 17.15 22.62 -16.64
C LEU C 55 18.14 21.47 -16.47
N THR C 56 19.09 21.64 -15.56
CA THR C 56 20.04 20.57 -15.23
C THR C 56 19.29 19.26 -14.98
N ALA C 57 18.18 19.35 -14.25
CA ALA C 57 17.38 18.19 -13.85
C ALA C 57 16.81 17.42 -15.03
N ILE C 58 16.41 18.14 -16.07
CA ILE C 58 15.82 17.50 -17.25
C ILE C 58 16.86 17.09 -18.29
N GLY C 59 18.14 17.31 -18.00
CA GLY C 59 19.22 16.79 -18.84
C GLY C 59 20.08 17.79 -19.61
N VAL C 60 19.81 19.08 -19.45
CA VAL C 60 20.66 20.12 -20.04
C VAL C 60 21.89 20.29 -19.14
N THR C 61 22.93 19.51 -19.40
CA THR C 61 24.08 19.46 -18.50
C THR C 61 25.26 20.35 -18.92
N LYS C 62 25.37 20.67 -20.20
CA LYS C 62 26.40 21.58 -20.70
C LYS C 62 26.06 23.03 -20.34
N PRO C 63 26.86 23.65 -19.46
CA PRO C 63 26.57 24.99 -18.92
C PRO C 63 26.19 26.03 -19.97
N GLY C 64 26.94 26.10 -21.06
CA GLY C 64 26.65 27.07 -22.11
C GLY C 64 25.22 26.95 -22.63
N HIS C 65 24.81 25.74 -22.95
CA HIS C 65 23.47 25.50 -23.48
C HIS C 65 22.42 25.91 -22.45
N ARG C 66 22.69 25.52 -21.20
CA ARG C 66 21.82 25.82 -20.08
C ARG C 66 21.67 27.33 -19.89
N LYS C 67 22.78 28.05 -20.06
CA LYS C 67 22.80 29.51 -19.96
C LYS C 67 21.92 30.18 -21.02
N LYS C 68 22.08 29.79 -22.28
CA LYS C 68 21.31 30.41 -23.35
C LYS C 68 19.84 30.19 -23.09
N ILE C 69 19.47 28.93 -22.86
CA ILE C 69 18.07 28.60 -22.61
C ILE C 69 17.53 29.38 -21.41
N ALA C 70 18.34 29.49 -20.36
CA ALA C 70 17.99 30.30 -19.18
C ALA C 70 17.82 31.78 -19.54
N ALA C 71 18.62 32.23 -20.49
CA ALA C 71 18.53 33.60 -21.02
C ALA C 71 17.25 33.78 -21.84
N GLU C 72 16.94 32.80 -22.68
CA GLU C 72 15.73 32.82 -23.50
C GLU C 72 14.47 32.76 -22.64
N ILE C 73 14.48 31.90 -21.63
CA ILE C 73 13.35 31.73 -20.71
C ILE C 73 12.92 33.03 -20.03
N SER C 74 13.91 33.79 -19.55
CA SER C 74 13.66 35.09 -18.91
C SER C 74 12.98 36.07 -19.86
N GLY C 75 13.28 35.94 -21.16
CA GLY C 75 12.70 36.77 -22.20
C GLY C 75 11.48 36.13 -22.87
N LEU C 76 10.62 35.54 -22.06
CA LEU C 76 9.33 35.04 -22.52
C LEU C 76 8.23 35.69 -21.69
N SER C 77 7.32 36.39 -22.37
CA SER C 77 6.14 36.94 -21.75
C SER C 77 4.96 35.99 -21.94
N ILE C 78 4.65 35.22 -20.90
CA ILE C 78 3.52 34.31 -20.92
C ILE C 78 2.42 34.86 -20.01
N PRO C 79 1.19 34.97 -20.52
CA PRO C 79 0.11 35.53 -19.73
C PRO C 79 -0.21 34.65 -18.53
N ASP C 80 -0.38 35.27 -17.36
CA ASP C 80 -0.64 34.54 -16.13
C ASP C 80 -1.77 33.54 -16.33
N TRP C 81 -1.52 32.30 -15.93
CA TRP C 81 -2.34 31.15 -16.32
C TRP C 81 -2.73 30.28 -15.13
N LEU C 82 -2.49 30.78 -13.92
CA LEU C 82 -2.77 30.06 -12.68
C LEU C 82 -4.09 30.57 -12.12
N PRO C 83 -4.93 29.67 -11.56
CA PRO C 83 -6.20 30.11 -10.98
C PRO C 83 -6.05 31.25 -9.97
N GLU C 84 -6.85 32.31 -10.15
CA GLU C 84 -6.82 33.48 -9.27
C GLU C 84 -7.51 33.21 -7.94
N HIS C 85 -8.41 32.23 -7.92
CA HIS C 85 -9.19 31.89 -6.73
C HIS C 85 -9.05 30.42 -6.35
N LYS C 86 -9.69 30.04 -5.25
CA LYS C 86 -9.69 28.67 -4.76
C LYS C 86 -11.02 27.98 -5.10
N PRO C 87 -10.97 26.87 -5.86
CA PRO C 87 -12.20 26.14 -6.17
C PRO C 87 -12.73 25.30 -5.00
N ALA C 88 -13.97 24.85 -5.12
CA ALA C 88 -14.61 24.07 -4.06
C ALA C 88 -14.01 22.68 -3.96
N ASN C 89 -14.10 21.91 -5.05
CA ASN C 89 -13.57 20.55 -5.09
C ASN C 89 -12.24 20.47 -5.84
N LEU C 90 -11.52 19.38 -5.61
CA LEU C 90 -10.18 19.17 -6.17
C LEU C 90 -10.25 18.85 -7.66
N ALA C 91 -11.24 18.04 -8.05
CA ALA C 91 -11.37 17.55 -9.43
C ALA C 91 -11.37 18.64 -10.51
N VAL C 92 -11.97 19.79 -10.20
CA VAL C 92 -11.99 20.93 -11.12
C VAL C 92 -10.59 21.56 -11.20
N TRP C 93 -10.01 21.83 -10.03
CA TRP C 93 -8.69 22.46 -9.93
C TRP C 93 -7.65 21.82 -10.85
N LEU C 94 -7.62 20.49 -10.89
CA LEU C 94 -6.69 19.76 -11.76
C LEU C 94 -7.02 19.96 -13.23
N SER C 95 -8.30 19.85 -13.56
CA SER C 95 -8.77 20.02 -14.93
C SER C 95 -8.48 21.42 -15.46
N MET C 96 -8.50 22.40 -14.57
CA MET C 96 -8.21 23.79 -14.95
C MET C 96 -6.72 24.09 -15.15
N ILE C 97 -5.84 23.15 -14.79
CA ILE C 97 -4.39 23.31 -15.02
C ILE C 97 -3.78 22.16 -15.84
N GLY C 98 -4.62 21.44 -16.57
CA GLY C 98 -4.17 20.41 -17.51
C GLY C 98 -3.48 19.23 -16.86
N LEU C 99 -3.97 18.83 -15.69
CA LEU C 99 -3.39 17.71 -14.93
C LEU C 99 -4.50 16.80 -14.38
N ALA C 100 -5.53 16.57 -15.19
CA ALA C 100 -6.69 15.79 -14.79
C ALA C 100 -6.35 14.33 -14.46
N GLN C 101 -5.36 13.78 -15.17
CA GLN C 101 -5.04 12.34 -15.06
C GLN C 101 -4.54 11.90 -13.69
N TYR C 102 -4.02 12.85 -12.91
CA TYR C 102 -3.47 12.55 -11.58
C TYR C 102 -4.51 12.54 -10.46
N TYR C 103 -5.76 12.85 -10.78
CA TYR C 103 -6.84 12.92 -9.78
C TYR C 103 -6.97 11.65 -8.94
N LYS C 104 -6.89 10.49 -9.59
CA LYS C 104 -7.05 9.22 -8.90
C LYS C 104 -5.91 8.98 -7.92
N VAL C 105 -4.68 9.01 -8.43
CA VAL C 105 -3.49 8.73 -7.62
C VAL C 105 -3.34 9.73 -6.46
N LEU C 106 -3.84 10.95 -6.64
CA LEU C 106 -3.86 11.95 -5.58
C LEU C 106 -4.86 11.57 -4.49
N VAL C 107 -6.13 11.46 -4.90
CA VAL C 107 -7.21 11.10 -3.98
C VAL C 107 -6.87 9.81 -3.23
N ASP C 108 -6.45 8.79 -3.97
CA ASP C 108 -6.11 7.48 -3.40
C ASP C 108 -5.05 7.55 -2.31
N ASN C 109 -4.07 8.43 -2.47
CA ASN C 109 -2.98 8.54 -1.48
C ASN C 109 -3.24 9.60 -0.40
N GLY C 110 -4.52 9.86 -0.13
CA GLY C 110 -4.94 10.70 1.00
C GLY C 110 -4.96 12.19 0.71
N TYR C 111 -4.81 12.57 -0.55
CA TYR C 111 -4.80 13.96 -0.93
C TYR C 111 -6.07 14.31 -1.68
N GLU C 112 -7.18 14.38 -0.94
CA GLU C 112 -8.51 14.65 -1.53
C GLU C 112 -8.95 16.10 -1.34
N ASN C 113 -8.75 16.64 -0.14
CA ASN C 113 -9.18 17.99 0.18
C ASN C 113 -8.15 19.01 -0.26
N ILE C 114 -8.62 20.17 -0.69
CA ILE C 114 -7.76 21.23 -1.23
C ILE C 114 -6.89 21.87 -0.14
N ASP C 115 -7.36 21.83 1.10
CA ASP C 115 -6.61 22.41 2.22
C ASP C 115 -5.33 21.63 2.51
N PHE C 116 -5.37 20.30 2.31
CA PHE C 116 -4.18 19.46 2.47
C PHE C 116 -3.09 19.84 1.48
N ILE C 117 -3.50 20.18 0.26
CA ILE C 117 -2.57 20.40 -0.85
C ILE C 117 -1.57 21.55 -0.64
N THR C 118 -1.92 22.53 0.19
CA THR C 118 -1.03 23.67 0.46
C THR C 118 0.30 23.28 1.12
N ASP C 119 0.33 22.13 1.79
CA ASP C 119 1.54 21.65 2.47
C ASP C 119 2.27 20.55 1.69
N ILE C 120 1.88 20.33 0.44
CA ILE C 120 2.48 19.28 -0.39
C ILE C 120 3.88 19.68 -0.84
N THR C 121 4.74 18.68 -0.98
CA THR C 121 6.14 18.86 -1.37
C THR C 121 6.44 17.97 -2.58
N TRP C 122 7.52 18.26 -3.31
CA TRP C 122 7.91 17.42 -4.44
C TRP C 122 8.18 15.97 -3.99
N GLU C 123 8.75 15.83 -2.78
CA GLU C 123 9.00 14.51 -2.17
C GLU C 123 7.71 13.71 -2.11
N ASP C 124 6.65 14.37 -1.65
CA ASP C 124 5.34 13.74 -1.52
C ASP C 124 4.80 13.32 -2.88
N LEU C 125 5.07 14.12 -3.90
CA LEU C 125 4.71 13.79 -5.27
C LEU C 125 5.51 12.57 -5.73
N GLN C 126 6.82 12.64 -5.54
CA GLN C 126 7.70 11.52 -5.87
C GLN C 126 7.18 10.24 -5.21
N GLU C 127 6.91 10.34 -3.91
CA GLU C 127 6.44 9.20 -3.11
C GLU C 127 5.23 8.47 -3.71
N ILE C 128 4.34 9.22 -4.37
CA ILE C 128 3.09 8.64 -4.89
C ILE C 128 3.14 8.38 -6.40
N GLY C 129 4.32 8.52 -7.00
CA GLY C 129 4.51 8.18 -8.41
C GLY C 129 4.20 9.28 -9.42
N ILE C 130 4.17 10.53 -8.98
CA ILE C 130 4.09 11.67 -9.89
C ILE C 130 5.51 12.20 -10.07
N THR C 131 6.21 11.64 -11.07
CA THR C 131 7.66 11.81 -11.21
C THR C 131 8.08 12.79 -12.30
N LYS C 132 7.26 12.95 -13.33
CA LYS C 132 7.58 13.85 -14.44
C LYS C 132 7.82 15.28 -13.94
N LEU C 133 9.08 15.70 -13.99
CA LEU C 133 9.53 16.96 -13.39
C LEU C 133 8.73 18.18 -13.85
N GLY C 134 8.35 18.21 -15.12
CA GLY C 134 7.54 19.31 -15.64
C GLY C 134 6.24 19.41 -14.87
N HIS C 135 5.53 18.28 -14.79
CA HIS C 135 4.27 18.20 -14.07
C HIS C 135 4.44 18.48 -12.58
N GLN C 136 5.58 18.05 -12.01
CA GLN C 136 5.90 18.41 -10.63
C GLN C 136 6.03 19.91 -10.49
N LYS C 137 6.71 20.54 -11.46
CA LYS C 137 6.91 21.97 -11.43
C LYS C 137 5.57 22.69 -11.57
N LYS C 138 4.72 22.20 -12.47
CA LYS C 138 3.40 22.79 -12.70
C LYS C 138 2.55 22.73 -11.42
N LEU C 139 2.58 21.58 -10.76
CA LEU C 139 1.80 21.36 -9.54
C LEU C 139 2.25 22.25 -8.37
N MET C 140 3.56 22.48 -8.27
CA MET C 140 4.10 23.26 -7.16
C MET C 140 3.81 24.74 -7.35
N LEU C 141 3.91 25.21 -8.59
CA LEU C 141 3.53 26.58 -8.93
C LEU C 141 2.07 26.83 -8.60
N ALA C 142 1.22 25.88 -8.95
CA ALA C 142 -0.20 25.93 -8.64
C ALA C 142 -0.45 26.03 -7.13
N VAL C 143 0.35 25.31 -6.35
CA VAL C 143 0.23 25.32 -4.88
C VAL C 143 0.65 26.65 -4.28
N ARG C 144 1.80 27.17 -4.72
CA ARG C 144 2.34 28.42 -4.17
C ARG C 144 1.38 29.60 -4.35
N LYS C 145 0.60 29.57 -5.44
CA LYS C 145 -0.44 30.57 -5.65
C LYS C 145 -1.52 30.44 -4.58
N LEU C 146 -1.92 29.20 -4.27
CA LEU C 146 -2.92 28.93 -3.23
C LEU C 146 -2.37 29.22 -1.83
N ALA C 147 -1.10 28.93 -1.62
CA ALA C 147 -0.43 29.26 -0.36
C ALA C 147 -0.40 30.76 -0.15
N GLU C 148 -0.03 31.50 -1.19
CA GLU C 148 -0.03 32.96 -1.18
C GLU C 148 -1.44 33.55 -1.06
N LEU C 149 -2.42 32.89 -1.67
CA LEU C 149 -3.83 33.34 -1.59
C LEU C 149 -4.38 33.32 -0.17
N GLN C 150 -3.81 32.48 0.70
CA GLN C 150 -4.20 32.44 2.11
C GLN C 150 -3.15 33.11 3.00
N LYS C 151 -2.81 34.36 2.66
CA LYS C 151 -1.90 35.17 3.47
C LYS C 151 -2.36 36.62 3.45
N LYS D 16 -15.42 7.16 28.12
CA LYS D 16 -15.54 8.56 27.58
C LYS D 16 -14.17 9.17 27.28
N SER D 17 -13.10 8.46 27.63
CA SER D 17 -11.74 8.83 27.21
C SER D 17 -11.60 8.84 25.68
N SER D 18 -12.34 7.95 25.03
CA SER D 18 -12.37 7.87 23.58
C SER D 18 -13.16 9.04 22.96
N GLU D 19 -14.22 9.47 23.65
CA GLU D 19 -15.04 10.60 23.20
C GLU D 19 -14.18 11.82 22.84
N ALA D 20 -13.16 12.08 23.65
CA ALA D 20 -12.24 13.20 23.44
C ALA D 20 -11.50 13.10 22.11
N VAL D 21 -11.03 11.91 21.79
CA VAL D 21 -10.28 11.65 20.57
C VAL D 21 -11.15 11.85 19.33
N SER D 22 -12.39 11.38 19.39
CA SER D 22 -13.32 11.50 18.26
C SER D 22 -13.46 12.94 17.79
N GLN D 23 -13.66 13.84 18.75
CA GLN D 23 -13.78 15.26 18.46
C GLN D 23 -12.46 15.89 18.00
N TRP D 24 -11.34 15.43 18.56
CA TRP D 24 -10.02 15.88 18.13
C TRP D 24 -9.81 15.62 16.64
N LEU D 25 -10.16 14.42 16.20
CA LEU D 25 -10.06 14.04 14.79
C LEU D 25 -11.09 14.76 13.94
N THR D 26 -12.27 15.01 14.52
CA THR D 26 -13.31 15.80 13.86
C THR D 26 -12.87 17.24 13.66
N ALA D 27 -12.01 17.72 14.56
CA ALA D 27 -11.47 19.09 14.52
C ALA D 27 -10.80 19.42 13.18
N PHE D 28 -10.22 18.42 12.53
CA PHE D 28 -9.63 18.57 11.20
C PHE D 28 -10.24 17.58 10.19
N GLN D 29 -11.53 17.28 10.38
CA GLN D 29 -12.31 16.44 9.45
C GLN D 29 -11.64 15.11 9.10
N LEU D 30 -11.11 14.43 10.12
CA LEU D 30 -10.50 13.10 9.93
C LEU D 30 -11.06 12.10 10.94
N GLN D 31 -12.34 12.25 11.27
CA GLN D 31 -13.04 11.35 12.18
C GLN D 31 -13.19 9.93 11.63
N LEU D 32 -12.88 9.72 10.34
CA LEU D 32 -12.99 8.40 9.72
C LEU D 32 -11.96 7.41 10.27
N TYR D 33 -10.83 7.93 10.75
CA TYR D 33 -9.80 7.10 11.39
C TYR D 33 -10.00 6.99 12.90
N ALA D 34 -11.16 7.41 13.39
CA ALA D 34 -11.52 7.28 14.81
C ALA D 34 -11.41 5.84 15.33
N PRO D 35 -12.07 4.88 14.66
CA PRO D 35 -12.01 3.50 15.14
C PRO D 35 -10.60 2.93 15.16
N ASN D 36 -9.75 3.44 14.27
CA ASN D 36 -8.35 3.02 14.19
C ASN D 36 -7.57 3.32 15.46
N PHE D 37 -7.90 4.41 16.14
CA PHE D 37 -7.31 4.75 17.45
C PHE D 37 -8.04 4.06 18.60
N ILE D 38 -9.37 4.15 18.58
CA ILE D 38 -10.20 3.69 19.70
C ILE D 38 -9.92 2.22 19.97
N SER D 39 -10.12 1.41 18.94
CA SER D 39 -9.94 -0.05 19.07
C SER D 39 -8.52 -0.42 19.51
N ALA D 40 -7.57 0.46 19.23
CA ALA D 40 -6.19 0.28 19.68
C ALA D 40 -5.99 0.65 21.17
N GLY D 41 -7.01 1.25 21.78
CA GLY D 41 -6.93 1.67 23.17
C GLY D 41 -6.00 2.87 23.32
N TYR D 42 -6.16 3.84 22.44
CA TYR D 42 -5.30 5.02 22.40
C TYR D 42 -6.01 6.22 23.01
N ASP D 43 -5.47 6.72 24.12
CA ASP D 43 -5.97 7.99 24.69
C ASP D 43 -5.13 9.14 24.13
N LEU D 44 -5.72 10.32 24.05
CA LEU D 44 -5.04 11.52 23.55
C LEU D 44 -3.65 11.70 24.17
N PRO D 45 -3.51 11.50 25.49
CA PRO D 45 -2.20 11.51 26.13
C PRO D 45 -1.16 10.59 25.50
N THR D 46 -1.55 9.37 25.15
CA THR D 46 -0.65 8.42 24.50
C THR D 46 -0.45 8.73 23.02
N ILE D 47 -1.49 9.29 22.39
CA ILE D 47 -1.43 9.67 20.98
C ILE D 47 -0.38 10.76 20.70
N SER D 48 -0.11 11.60 21.68
CA SER D 48 0.87 12.69 21.52
C SER D 48 2.30 12.18 21.40
N ARG D 49 2.57 10.99 21.96
CA ARG D 49 3.90 10.39 21.91
C ARG D 49 4.04 9.32 20.81
N MET D 50 3.11 9.30 19.87
CA MET D 50 3.16 8.37 18.74
C MET D 50 4.24 8.76 17.75
N THR D 51 5.08 7.80 17.38
CA THR D 51 6.00 7.92 16.26
C THR D 51 5.23 7.60 14.97
N PRO D 52 5.76 8.03 13.82
CA PRO D 52 5.04 7.74 12.56
C PRO D 52 4.81 6.25 12.31
N GLU D 53 5.70 5.41 12.82
CA GLU D 53 5.55 3.95 12.74
C GLU D 53 4.37 3.48 13.59
N ASP D 54 4.17 4.10 14.74
CA ASP D 54 2.97 3.84 15.52
C ASP D 54 1.70 4.13 14.69
N LEU D 55 1.77 5.15 13.83
CA LEU D 55 0.65 5.54 12.96
C LEU D 55 0.42 4.51 11.86
N THR D 56 1.50 4.00 11.27
CA THR D 56 1.39 2.86 10.38
C THR D 56 0.79 1.65 11.12
N ALA D 57 1.23 1.46 12.36
CA ALA D 57 0.80 0.33 13.19
C ALA D 57 -0.73 0.23 13.32
N ILE D 58 -1.40 1.39 13.39
CA ILE D 58 -2.85 1.40 13.57
C ILE D 58 -3.61 1.63 12.25
N GLY D 59 -2.89 1.59 11.13
CA GLY D 59 -3.51 1.48 9.81
C GLY D 59 -3.58 2.75 8.98
N VAL D 60 -3.12 3.87 9.53
CA VAL D 60 -3.10 5.13 8.79
C VAL D 60 -1.92 5.14 7.80
N THR D 61 -2.18 4.74 6.56
CA THR D 61 -1.11 4.59 5.56
C THR D 61 -1.20 5.52 4.35
N LYS D 62 -2.29 6.28 4.25
CA LYS D 62 -2.44 7.24 3.15
C LYS D 62 -1.62 8.49 3.45
N PRO D 63 -0.52 8.70 2.71
CA PRO D 63 0.44 9.76 3.00
C PRO D 63 -0.17 11.09 3.40
N GLY D 64 -1.15 11.55 2.64
CA GLY D 64 -1.81 12.83 2.91
C GLY D 64 -2.41 12.87 4.29
N HIS D 65 -3.00 11.76 4.71
CA HIS D 65 -3.63 11.66 6.02
C HIS D 65 -2.59 11.54 7.13
N ARG D 66 -1.58 10.70 6.91
CA ARG D 66 -0.47 10.57 7.86
C ARG D 66 0.10 11.94 8.18
N LYS D 67 0.55 12.62 7.13
CA LYS D 67 1.24 13.90 7.25
C LYS D 67 0.49 14.89 8.14
N LYS D 68 -0.84 14.94 7.99
CA LYS D 68 -1.64 15.89 8.74
C LYS D 68 -1.72 15.47 10.19
N ILE D 69 -2.07 14.20 10.42
CA ILE D 69 -2.18 13.67 11.78
C ILE D 69 -0.85 13.80 12.52
N ALA D 70 0.24 13.52 11.82
CA ALA D 70 1.59 13.67 12.38
C ALA D 70 1.82 15.11 12.81
N ALA D 71 1.36 16.05 11.99
CA ALA D 71 1.46 17.48 12.30
C ALA D 71 0.60 17.81 13.52
N GLU D 72 -0.64 17.36 13.50
CA GLU D 72 -1.56 17.58 14.61
C GLU D 72 -1.03 16.99 15.92
N ILE D 73 -0.43 15.81 15.84
CA ILE D 73 0.12 15.13 17.03
C ILE D 73 1.27 15.92 17.66
N SER D 74 2.17 16.43 16.83
CA SER D 74 3.32 17.20 17.32
C SER D 74 2.86 18.51 17.98
N GLY D 75 1.69 19.00 17.60
CA GLY D 75 1.09 20.19 18.21
C GLY D 75 0.05 19.84 19.27
N LEU D 76 0.41 18.93 20.18
CA LEU D 76 -0.45 18.58 21.30
C LEU D 76 0.27 18.84 22.62
N SER D 77 -0.11 19.93 23.29
CA SER D 77 0.41 20.25 24.61
C SER D 77 -0.34 19.44 25.67
N ILE D 78 0.26 18.31 26.05
CA ILE D 78 -0.31 17.47 27.10
C ILE D 78 0.69 17.40 28.25
N PRO D 79 0.23 17.69 29.49
CA PRO D 79 1.12 17.70 30.65
C PRO D 79 1.65 16.32 30.99
N ASP D 80 2.78 16.27 31.70
CA ASP D 80 3.37 15.01 32.14
C ASP D 80 2.39 14.27 33.06
N TRP D 81 2.23 12.98 32.79
CA TRP D 81 1.17 12.17 33.40
C TRP D 81 1.67 10.84 33.95
N LEU D 82 2.96 10.55 33.71
CA LEU D 82 3.56 9.29 34.14
C LEU D 82 4.11 9.44 35.55
N PRO D 83 4.03 8.37 36.37
CA PRO D 83 4.54 8.43 37.73
C PRO D 83 5.97 8.96 37.84
N GLU D 84 6.15 9.97 38.69
CA GLU D 84 7.46 10.55 38.96
C GLU D 84 8.27 9.69 39.93
N HIS D 85 7.68 8.61 40.44
CA HIS D 85 8.32 7.72 41.41
C HIS D 85 8.06 6.25 41.10
N LYS D 86 8.80 5.37 41.77
CA LYS D 86 8.65 3.93 41.62
C LYS D 86 7.86 3.35 42.79
N PRO D 87 6.62 2.87 42.54
CA PRO D 87 5.77 2.39 43.62
C PRO D 87 6.18 1.01 44.13
N ALA D 88 5.79 0.72 45.36
CA ALA D 88 6.21 -0.50 46.07
C ALA D 88 5.91 -1.78 45.29
N ASN D 89 4.74 -1.86 44.68
CA ASN D 89 4.34 -3.06 43.95
C ASN D 89 3.86 -2.79 42.53
N LEU D 90 3.61 -3.87 41.79
CA LEU D 90 3.21 -3.84 40.39
C LEU D 90 1.74 -3.45 40.25
N ALA D 91 0.90 -4.07 41.07
CA ALA D 91 -0.56 -3.90 40.99
C ALA D 91 -0.98 -2.44 41.10
N VAL D 92 -0.35 -1.71 42.01
CA VAL D 92 -0.64 -0.29 42.19
C VAL D 92 -0.18 0.52 40.99
N TRP D 93 1.00 0.20 40.48
CA TRP D 93 1.58 0.89 39.33
C TRP D 93 0.65 0.86 38.12
N LEU D 94 0.15 -0.34 37.80
CA LEU D 94 -0.76 -0.52 36.67
C LEU D 94 -2.07 0.25 36.82
N SER D 95 -2.60 0.28 38.04
CA SER D 95 -3.84 1.02 38.33
C SER D 95 -3.67 2.51 38.07
N MET D 96 -2.51 3.04 38.46
CA MET D 96 -2.21 4.47 38.31
C MET D 96 -2.04 4.93 36.86
N ILE D 97 -1.88 4.00 35.94
CA ILE D 97 -1.70 4.33 34.52
C ILE D 97 -2.81 3.78 33.62
N GLY D 98 -3.94 3.42 34.23
CA GLY D 98 -5.13 2.97 33.47
C GLY D 98 -4.98 1.65 32.75
N LEU D 99 -4.12 0.76 33.26
CA LEU D 99 -3.91 -0.56 32.66
C LEU D 99 -4.07 -1.65 33.73
N ALA D 100 -5.11 -1.51 34.54
CA ALA D 100 -5.38 -2.45 35.62
C ALA D 100 -5.65 -3.86 35.11
N GLN D 101 -6.35 -3.96 33.99
CA GLN D 101 -6.81 -5.25 33.47
C GLN D 101 -5.68 -6.21 33.05
N TYR D 102 -4.47 -5.69 32.86
CA TYR D 102 -3.35 -6.51 32.43
C TYR D 102 -2.50 -7.05 33.58
N TYR D 103 -2.96 -6.88 34.81
CA TYR D 103 -2.18 -7.35 35.95
C TYR D 103 -1.96 -8.85 35.90
N LYS D 104 -3.06 -9.57 35.78
CA LYS D 104 -3.04 -11.03 35.84
C LYS D 104 -2.28 -11.64 34.66
N VAL D 105 -2.51 -11.07 33.47
CA VAL D 105 -1.83 -11.54 32.27
C VAL D 105 -0.31 -11.36 32.37
N LEU D 106 0.13 -10.32 33.08
CA LEU D 106 1.56 -10.10 33.31
C LEU D 106 2.12 -11.08 34.35
N VAL D 107 1.50 -11.13 35.53
CA VAL D 107 2.02 -11.97 36.61
C VAL D 107 2.08 -13.43 36.20
N ASP D 108 0.96 -13.95 35.72
CA ASP D 108 0.84 -15.37 35.38
C ASP D 108 1.85 -15.80 34.31
N ASN D 109 2.33 -14.85 33.52
CA ASN D 109 3.35 -15.11 32.52
C ASN D 109 4.77 -14.74 32.98
N GLY D 110 4.94 -14.55 34.28
CA GLY D 110 6.27 -14.39 34.88
C GLY D 110 6.79 -12.97 34.97
N TYR D 111 5.90 -12.00 34.75
CA TYR D 111 6.24 -10.60 34.92
C TYR D 111 5.67 -10.09 36.24
N GLU D 112 6.04 -10.73 37.35
CA GLU D 112 5.47 -10.37 38.66
C GLU D 112 6.05 -9.06 39.19
N ASN D 113 7.37 -9.01 39.32
CA ASN D 113 8.08 -7.81 39.73
C ASN D 113 7.97 -6.71 38.69
N ILE D 114 8.16 -5.45 39.10
CA ILE D 114 8.18 -4.33 38.17
C ILE D 114 9.44 -4.38 37.31
N ASP D 115 10.51 -4.94 37.87
CA ASP D 115 11.82 -4.99 37.21
C ASP D 115 11.87 -5.96 36.04
N PHE D 116 11.02 -6.99 36.06
CA PHE D 116 10.91 -7.92 34.92
C PHE D 116 10.40 -7.23 33.66
N ILE D 117 9.65 -6.12 33.84
CA ILE D 117 9.02 -5.41 32.73
C ILE D 117 9.91 -4.35 32.07
N THR D 118 11.03 -3.98 32.70
CA THR D 118 11.92 -2.95 32.13
C THR D 118 12.41 -3.33 30.73
N ASP D 119 12.59 -4.61 30.51
CA ASP D 119 13.09 -5.13 29.23
C ASP D 119 12.00 -5.11 28.13
N ILE D 120 10.73 -5.13 28.55
CA ILE D 120 9.57 -5.48 27.68
C ILE D 120 9.54 -4.87 26.29
N THR D 121 9.23 -5.71 25.31
CA THR D 121 9.13 -5.34 23.91
C THR D 121 7.76 -5.65 23.32
N TRP D 122 7.52 -5.14 22.11
CA TRP D 122 6.29 -5.39 21.37
C TRP D 122 6.03 -6.87 21.14
N GLU D 123 7.07 -7.57 20.69
CA GLU D 123 7.02 -9.02 20.57
C GLU D 123 6.52 -9.63 21.89
N ASP D 124 7.17 -9.27 22.99
CA ASP D 124 6.85 -9.83 24.31
C ASP D 124 5.37 -9.67 24.64
N LEU D 125 4.85 -8.47 24.42
CA LEU D 125 3.47 -8.17 24.76
C LEU D 125 2.53 -9.01 23.91
N GLN D 126 2.85 -9.08 22.62
CA GLN D 126 2.04 -9.84 21.68
C GLN D 126 2.00 -11.32 22.11
N GLU D 127 3.14 -11.82 22.59
CA GLU D 127 3.29 -13.20 23.03
C GLU D 127 2.32 -13.59 24.14
N ILE D 128 1.98 -12.64 24.99
CA ILE D 128 1.06 -12.89 26.11
C ILE D 128 -0.36 -12.34 25.88
N GLY D 129 -0.64 -11.88 24.66
CA GLY D 129 -2.00 -11.46 24.30
C GLY D 129 -2.37 -10.00 24.54
N ILE D 130 -1.39 -9.17 24.89
CA ILE D 130 -1.63 -7.73 25.01
C ILE D 130 -1.40 -7.10 23.65
N THR D 131 -2.46 -7.07 22.83
CA THR D 131 -2.35 -6.71 21.42
C THR D 131 -2.82 -5.29 21.07
N LYS D 132 -3.51 -4.63 21.99
CA LYS D 132 -3.93 -3.24 21.77
C LYS D 132 -2.72 -2.30 21.79
N LEU D 133 -2.36 -1.79 20.61
CA LEU D 133 -1.13 -1.02 20.48
C LEU D 133 -1.10 0.25 21.31
N GLY D 134 -2.26 0.90 21.49
CA GLY D 134 -2.35 2.05 22.38
C GLY D 134 -1.87 1.69 23.78
N HIS D 135 -2.38 0.57 24.29
CA HIS D 135 -1.99 0.08 25.62
C HIS D 135 -0.52 -0.34 25.69
N GLN D 136 -0.03 -1.00 24.64
CA GLN D 136 1.37 -1.36 24.59
C GLN D 136 2.22 -0.10 24.68
N LYS D 137 1.87 0.92 23.91
CA LYS D 137 2.63 2.17 23.87
C LYS D 137 2.62 2.79 25.25
N LYS D 138 1.42 2.91 25.81
CA LYS D 138 1.24 3.46 27.15
C LYS D 138 2.12 2.75 28.15
N LEU D 139 2.11 1.42 28.10
CA LEU D 139 2.90 0.59 29.02
C LEU D 139 4.40 0.82 28.83
N MET D 140 4.82 1.00 27.58
CA MET D 140 6.23 1.15 27.28
C MET D 140 6.71 2.56 27.62
N LEU D 141 5.84 3.54 27.40
CA LEU D 141 6.12 4.91 27.84
C LEU D 141 6.25 4.93 29.37
N ALA D 142 5.37 4.18 30.02
CA ALA D 142 5.41 4.04 31.47
C ALA D 142 6.77 3.53 31.95
N VAL D 143 7.32 2.55 31.25
CA VAL D 143 8.59 1.94 31.62
C VAL D 143 9.77 2.88 31.45
N ARG D 144 9.86 3.49 30.26
CA ARG D 144 10.98 4.36 29.92
C ARG D 144 11.21 5.44 30.99
N LYS D 145 10.12 5.97 31.53
CA LYS D 145 10.18 6.94 32.64
C LYS D 145 10.94 6.39 33.85
N LEU D 146 10.61 5.16 34.24
CA LEU D 146 11.24 4.51 35.41
C LEU D 146 12.72 4.21 35.16
N ALA D 147 13.05 3.80 33.93
CA ALA D 147 14.43 3.55 33.54
C ALA D 147 15.28 4.82 33.62
N GLU D 148 14.70 5.92 33.14
CA GLU D 148 15.35 7.24 33.22
C GLU D 148 15.56 7.71 34.66
N LEU D 149 14.62 7.38 35.54
CA LEU D 149 14.71 7.74 36.95
C LEU D 149 15.84 7.01 37.67
N GLN D 150 16.06 5.75 37.32
CA GLN D 150 17.15 4.97 37.91
C GLN D 150 18.53 5.43 37.45
N LYS D 151 18.60 6.04 36.27
CA LYS D 151 19.84 6.62 35.75
C LYS D 151 20.13 8.00 36.37
N ALA D 152 19.11 8.57 37.02
CA ALA D 152 19.27 9.84 37.74
C ALA D 152 19.96 9.61 39.09
K K E . 6.15 -1.30 16.65
#